data_1GEC
#
_entry.id   1GEC
#
_cell.length_a   55.780
_cell.length_b   55.780
_cell.length_c   64.430
_cell.angle_alpha   90.00
_cell.angle_beta   90.00
_cell.angle_gamma   120.00
#
_symmetry.space_group_name_H-M   'P 31'
#
loop_
_entity.id
_entity.type
_entity.pdbx_description
1 polymer 'GLYCYL ENDOPEPTIDASE'
2 polymer 'BENZYLOXYCARBONYL-LEUCINE-VALINE-GLYCINE-METHYLENE INHIBITOR'
3 water water
#
loop_
_entity_poly.entity_id
_entity_poly.type
_entity_poly.pdbx_seq_one_letter_code
_entity_poly.pdbx_strand_id
1 'polypeptide(L)'
;LPESVDWRAKGAVTPVKHQGYCESCWAFSTVATVEGINKIKTGNLVELSEQELVDCDLQSYGCNRGYQSTSLQYVAQNGI
HLRAKYPYIAKQQTCRANQVGGPKVKTNGVGRVQSNNEGSLLNAIAHQPVSVVVESAGRDFQNYKGGIFEGSCGTKVDHA
VTAVGYGKSGGKGYILIKNSWGPGWGENGYIRIRRASGNSPGVCGVYRSSYYPIKN
;
E
2 'polypeptide(L)' (PHQ)LVG(0HQ) I
#
loop_
_chem_comp.id
_chem_comp.type
_chem_comp.name
_chem_comp.formula
0HQ non-polymer diazomethane 'C H2 N2'
PHQ non-polymer 'benzyl chlorocarbonate' 'C8 H7 Cl O2'
#
# COMPACT_ATOMS: atom_id res chain seq x y z
N LEU A 1 -4.29 -10.58 15.36
CA LEU A 1 -4.15 -11.84 16.18
C LEU A 1 -3.06 -11.74 17.26
N PRO A 2 -1.75 -11.65 16.88
CA PRO A 2 -0.72 -11.55 17.92
C PRO A 2 -0.28 -10.15 18.38
N GLU A 3 0.61 -10.11 19.35
CA GLU A 3 1.12 -8.86 19.92
C GLU A 3 2.00 -8.05 18.94
N SER A 4 2.25 -8.64 17.77
CA SER A 4 3.15 -8.02 16.81
C SER A 4 3.18 -8.72 15.44
N VAL A 5 3.36 -7.96 14.36
CA VAL A 5 3.50 -8.56 13.02
C VAL A 5 4.46 -7.75 12.14
N ASP A 6 5.12 -8.46 11.26
CA ASP A 6 6.06 -7.85 10.35
C ASP A 6 6.24 -8.85 9.18
N TRP A 7 5.52 -8.54 8.11
CA TRP A 7 5.55 -9.28 6.87
C TRP A 7 6.88 -9.20 6.17
N ARG A 8 7.67 -8.17 6.47
CA ARG A 8 8.99 -8.06 5.87
C ARG A 8 9.80 -9.23 6.45
N ALA A 9 9.73 -9.44 7.76
CA ALA A 9 10.45 -10.56 8.38
C ALA A 9 10.00 -11.95 7.85
N LYS A 10 8.71 -12.09 7.54
CA LYS A 10 8.21 -13.34 7.00
C LYS A 10 8.50 -13.43 5.51
N GLY A 11 9.27 -12.45 5.00
CA GLY A 11 9.65 -12.40 3.59
C GLY A 11 8.57 -12.10 2.55
N ALA A 12 7.56 -11.31 2.93
CA ALA A 12 6.46 -10.99 2.03
C ALA A 12 6.46 -9.56 1.47
N VAL A 13 7.57 -8.84 1.69
CA VAL A 13 7.69 -7.45 1.25
C VAL A 13 8.93 -7.27 0.38
N THR A 14 8.75 -6.59 -0.75
CA THR A 14 9.80 -6.30 -1.69
C THR A 14 10.44 -4.96 -1.32
N PRO A 15 11.57 -4.61 -1.97
CA PRO A 15 12.31 -3.35 -1.75
C PRO A 15 11.42 -2.11 -1.84
N VAL A 16 11.80 -1.01 -1.19
CA VAL A 16 11.03 0.24 -1.25
C VAL A 16 11.28 0.88 -2.60
N LYS A 17 10.20 1.31 -3.24
CA LYS A 17 10.24 1.91 -4.58
C LYS A 17 10.03 3.42 -4.57
N HIS A 18 10.24 4.01 -5.75
CA HIS A 18 10.06 5.42 -6.04
C HIS A 18 8.93 5.62 -7.05
N GLN A 19 7.94 6.44 -6.66
CA GLN A 19 6.81 6.82 -7.52
C GLN A 19 7.35 7.86 -8.50
N GLY A 20 8.38 8.57 -8.07
CA GLY A 20 8.98 9.61 -8.86
C GLY A 20 7.99 10.77 -8.86
N TYR A 21 8.02 11.59 -9.91
CA TYR A 21 7.15 12.76 -10.04
C TYR A 21 5.86 12.41 -10.80
N CYS A 22 5.02 11.60 -10.18
CA CYS A 22 3.79 11.12 -10.80
C CYS A 22 2.88 10.74 -9.62
N GLU A 23 1.60 11.12 -9.70
CA GLU A 23 0.65 10.82 -8.62
C GLU A 23 0.05 9.42 -8.70
N SER A 24 0.93 8.42 -8.58
CA SER A 24 0.58 7.00 -8.65
C SER A 24 0.64 6.19 -7.35
N CYS A 25 0.53 6.81 -6.17
CA CYS A 25 0.57 6.06 -4.89
C CYS A 25 -0.45 4.95 -4.79
N TRP A 26 -1.59 5.15 -5.42
CA TRP A 26 -2.64 4.12 -5.43
C TRP A 26 -2.17 2.84 -6.10
N ALA A 27 -1.38 3.00 -7.19
CA ALA A 27 -0.83 1.88 -7.97
C ALA A 27 0.30 1.25 -7.19
N PHE A 28 1.07 2.08 -6.53
CA PHE A 28 2.15 1.51 -5.74
C PHE A 28 1.66 0.66 -4.59
N SER A 29 0.69 1.15 -3.81
CA SER A 29 0.19 0.39 -2.64
C SER A 29 -0.52 -0.90 -2.97
N THR A 30 -1.29 -0.90 -4.05
CA THR A 30 -2.02 -2.07 -4.47
C THR A 30 -1.09 -3.14 -4.98
N VAL A 31 0.02 -2.76 -5.60
CA VAL A 31 0.96 -3.78 -6.05
C VAL A 31 1.59 -4.43 -4.82
N ALA A 32 2.01 -3.60 -3.86
CA ALA A 32 2.62 -4.12 -2.62
C ALA A 32 1.68 -5.10 -1.87
N THR A 33 0.39 -4.80 -1.78
CA THR A 33 -0.53 -5.73 -1.13
C THR A 33 -0.66 -7.02 -1.96
N VAL A 34 -0.58 -6.94 -3.30
CA VAL A 34 -0.72 -8.14 -4.12
C VAL A 34 0.53 -9.01 -4.09
N GLU A 35 1.72 -8.41 -4.09
CA GLU A 35 2.99 -9.18 -4.04
C GLU A 35 3.03 -9.94 -2.70
N GLY A 36 2.38 -9.30 -1.74
CA GLY A 36 2.28 -9.80 -0.38
C GLY A 36 1.41 -11.01 -0.27
N ILE A 37 0.18 -10.93 -0.81
CA ILE A 37 -0.75 -12.06 -0.74
C ILE A 37 -0.31 -13.23 -1.66
N ASN A 38 0.41 -12.92 -2.74
CA ASN A 38 0.91 -13.96 -3.66
C ASN A 38 1.97 -14.80 -2.95
N LYS A 39 2.90 -14.14 -2.27
CA LYS A 39 3.94 -14.84 -1.55
C LYS A 39 3.29 -15.65 -0.42
N ILE A 40 2.29 -15.07 0.24
CA ILE A 40 1.58 -15.76 1.33
C ILE A 40 0.90 -17.05 0.90
N LYS A 41 0.19 -16.96 -0.23
CA LYS A 41 -0.53 -18.08 -0.80
C LYS A 41 0.39 -19.06 -1.51
N THR A 42 1.25 -18.49 -2.35
CA THR A 42 2.20 -19.18 -3.21
C THR A 42 3.63 -19.47 -2.69
N GLY A 43 4.09 -18.74 -1.70
CA GLY A 43 5.45 -18.93 -1.24
C GLY A 43 6.47 -18.19 -2.10
N ASN A 44 6.02 -17.59 -3.22
CA ASN A 44 6.85 -16.84 -4.19
C ASN A 44 6.74 -15.34 -4.01
N LEU A 45 7.88 -14.66 -3.81
CA LEU A 45 7.87 -13.22 -3.69
C LEU A 45 8.43 -12.63 -5.00
N VAL A 46 7.56 -12.09 -5.85
CA VAL A 46 8.00 -11.42 -7.09
C VAL A 46 7.47 -9.99 -7.14
N GLU A 47 8.21 -9.12 -7.82
CA GLU A 47 7.77 -7.74 -7.98
C GLU A 47 6.83 -7.65 -9.16
N LEU A 48 5.73 -6.96 -8.94
CA LEU A 48 4.71 -6.79 -9.93
C LEU A 48 4.73 -5.38 -10.52
N SER A 49 3.95 -5.16 -11.56
CA SER A 49 4.01 -3.88 -12.23
C SER A 49 2.99 -2.76 -11.88
N GLU A 50 3.50 -1.68 -11.26
CA GLU A 50 2.70 -0.49 -10.94
C GLU A 50 2.40 0.16 -12.30
N GLN A 51 3.35 0.08 -13.24
CA GLN A 51 3.12 0.67 -14.57
C GLN A 51 1.85 0.13 -15.28
N GLU A 52 1.61 -1.17 -15.23
CA GLU A 52 0.45 -1.73 -15.86
C GLU A 52 -0.82 -1.10 -15.34
N LEU A 53 -0.90 -0.93 -14.02
CA LEU A 53 -2.09 -0.35 -13.41
C LEU A 53 -2.22 1.09 -13.87
N VAL A 54 -1.09 1.82 -13.91
CA VAL A 54 -1.05 3.22 -14.31
C VAL A 54 -1.65 3.41 -15.72
N ASP A 55 -1.27 2.53 -16.64
CA ASP A 55 -1.75 2.60 -18.01
C ASP A 55 -3.07 1.90 -18.19
N CYS A 56 -3.23 0.78 -17.49
CA CYS A 56 -4.40 -0.04 -17.65
C CYS A 56 -5.64 0.17 -16.80
N ASP A 57 -5.52 0.63 -15.56
CA ASP A 57 -6.74 0.88 -14.78
C ASP A 57 -7.43 2.11 -15.41
N LEU A 58 -8.55 1.87 -16.09
CA LEU A 58 -9.22 2.99 -16.71
C LEU A 58 -10.19 3.79 -15.87
N GLN A 59 -10.43 3.33 -14.64
CA GLN A 59 -11.30 4.04 -13.70
C GLN A 59 -10.43 5.07 -12.97
N SER A 60 -9.14 4.79 -12.87
CA SER A 60 -8.19 5.65 -12.20
C SER A 60 -7.60 6.57 -13.24
N TYR A 61 -6.79 7.52 -12.79
CA TYR A 61 -6.24 8.50 -13.68
C TYR A 61 -4.74 8.48 -13.94
N GLY A 62 -4.16 7.29 -14.01
CA GLY A 62 -2.74 7.16 -14.27
C GLY A 62 -1.89 7.96 -13.32
N CYS A 63 -1.12 8.91 -13.86
CA CYS A 63 -0.24 9.73 -13.01
C CYS A 63 -0.95 10.92 -12.36
N ASN A 64 -2.29 10.87 -12.30
CA ASN A 64 -3.07 11.96 -11.72
C ASN A 64 -4.11 11.49 -10.75
N ARG A 65 -3.70 10.56 -9.88
CA ARG A 65 -4.50 9.97 -8.80
C ARG A 65 -5.26 8.80 -9.32
N GLY A 66 -5.77 8.01 -8.40
CA GLY A 66 -6.52 6.82 -8.76
C GLY A 66 -7.14 6.22 -7.54
N TYR A 67 -7.71 5.03 -7.69
CA TYR A 67 -8.41 4.37 -6.59
C TYR A 67 -7.79 3.08 -6.12
N GLN A 68 -8.02 2.79 -4.85
CA GLN A 68 -7.59 1.59 -4.17
C GLN A 68 -8.44 0.46 -4.72
N SER A 69 -9.77 0.59 -4.60
CA SER A 69 -10.71 -0.45 -5.08
C SER A 69 -10.65 -0.81 -6.57
N THR A 70 -10.50 0.19 -7.44
CA THR A 70 -10.46 -0.04 -8.91
C THR A 70 -9.17 -0.72 -9.43
N SER A 71 -8.08 -0.51 -8.71
CA SER A 71 -6.79 -1.09 -9.07
C SER A 71 -6.75 -2.48 -8.51
N LEU A 72 -7.40 -2.64 -7.35
CA LEU A 72 -7.49 -3.94 -6.71
C LEU A 72 -8.42 -4.78 -7.54
N GLN A 73 -9.49 -4.15 -8.05
CA GLN A 73 -10.43 -4.83 -8.91
C GLN A 73 -9.78 -5.19 -10.26
N TYR A 74 -8.93 -4.34 -10.81
CA TYR A 74 -8.17 -4.63 -12.06
C TYR A 74 -7.44 -5.98 -11.92
N VAL A 75 -6.62 -6.14 -10.88
CA VAL A 75 -5.92 -7.42 -10.65
C VAL A 75 -6.89 -8.60 -10.46
N ALA A 76 -7.98 -8.41 -9.72
CA ALA A 76 -8.97 -9.47 -9.53
C ALA A 76 -9.53 -9.92 -10.89
N GLN A 77 -9.74 -8.97 -11.78
CA GLN A 77 -10.29 -9.27 -13.10
C GLN A 77 -9.29 -9.77 -14.13
N ASN A 78 -8.20 -9.03 -14.28
CA ASN A 78 -7.17 -9.34 -15.27
C ASN A 78 -5.82 -9.90 -14.84
N GLY A 79 -5.57 -9.99 -13.55
CA GLY A 79 -4.26 -10.46 -13.12
C GLY A 79 -3.29 -9.32 -13.35
N ILE A 80 -2.02 -9.53 -13.13
CA ILE A 80 -1.07 -8.44 -13.30
C ILE A 80 0.29 -9.06 -13.67
N HIS A 81 1.08 -8.32 -14.41
CA HIS A 81 2.37 -8.84 -14.85
C HIS A 81 3.54 -8.44 -13.99
N LEU A 82 4.64 -9.15 -14.28
CA LEU A 82 5.92 -8.95 -13.61
C LEU A 82 6.47 -7.56 -13.87
N ARG A 83 7.06 -6.97 -12.82
CA ARG A 83 7.68 -5.63 -12.89
C ARG A 83 8.77 -5.58 -13.98
N ALA A 84 9.58 -6.63 -14.03
CA ALA A 84 10.65 -6.61 -15.02
C ALA A 84 10.15 -6.58 -16.46
N LYS A 85 8.99 -7.18 -16.70
CA LYS A 85 8.34 -7.28 -18.03
C LYS A 85 7.55 -6.03 -18.44
N TYR A 86 7.10 -5.26 -17.46
CA TYR A 86 6.32 -4.05 -17.69
C TYR A 86 6.91 -3.01 -16.72
N PRO A 87 8.04 -2.38 -17.12
CA PRO A 87 8.82 -1.37 -16.39
C PRO A 87 8.12 -0.06 -16.06
N TYR A 88 8.47 0.47 -14.90
CA TYR A 88 7.87 1.71 -14.48
C TYR A 88 8.60 2.85 -15.21
N ILE A 89 7.80 3.81 -15.65
CA ILE A 89 8.23 4.94 -16.44
C ILE A 89 7.78 6.30 -15.88
N ALA A 90 7.06 6.27 -14.76
CA ALA A 90 6.61 7.50 -14.13
C ALA A 90 5.78 8.41 -15.01
N LYS A 91 5.22 7.85 -16.10
CA LYS A 91 4.28 8.57 -16.99
C LYS A 91 3.28 7.55 -17.50
N GLN A 92 2.07 8.01 -17.74
CA GLN A 92 1.00 7.17 -18.25
C GLN A 92 1.17 6.95 -19.79
N GLN A 93 1.31 5.67 -20.14
CA GLN A 93 1.44 5.27 -21.53
C GLN A 93 0.20 4.48 -21.97
N THR A 94 0.30 3.85 -23.13
CA THR A 94 -0.76 3.00 -23.65
C THR A 94 -0.69 1.62 -22.95
N CYS A 95 -1.85 1.10 -22.55
CA CYS A 95 -1.93 -0.18 -21.89
C CYS A 95 -1.29 -1.34 -22.67
N ARG A 96 -0.24 -1.88 -22.07
CA ARG A 96 0.51 -2.96 -22.68
C ARG A 96 0.23 -4.36 -22.18
N ALA A 97 -0.75 -4.54 -21.31
CA ALA A 97 -1.09 -5.86 -20.76
C ALA A 97 -1.13 -7.05 -21.76
N ASN A 98 -1.80 -6.89 -22.89
CA ASN A 98 -1.91 -7.95 -23.91
C ASN A 98 -0.61 -8.17 -24.69
N GLN A 99 0.13 -7.09 -24.90
CA GLN A 99 1.39 -7.14 -25.63
C GLN A 99 2.55 -7.55 -24.72
N VAL A 100 2.39 -7.33 -23.43
CA VAL A 100 3.44 -7.67 -22.48
C VAL A 100 3.49 -9.16 -22.23
N GLY A 101 2.31 -9.76 -22.06
CA GLY A 101 2.25 -11.20 -21.86
C GLY A 101 0.99 -11.79 -21.26
N GLY A 102 -0.15 -11.11 -21.34
CA GLY A 102 -1.38 -11.65 -20.77
C GLY A 102 -1.37 -12.36 -19.40
N PRO A 103 -2.04 -11.79 -18.37
CA PRO A 103 -2.20 -12.23 -16.98
C PRO A 103 -1.12 -13.16 -16.30
N LYS A 104 -0.56 -12.71 -15.16
CA LYS A 104 0.45 -13.51 -14.48
C LYS A 104 0.15 -13.85 -13.01
N VAL A 105 0.02 -12.85 -12.15
CA VAL A 105 -0.39 -13.15 -10.78
C VAL A 105 -1.82 -12.67 -10.86
N LYS A 106 -2.73 -13.48 -10.34
CA LYS A 106 -4.13 -13.07 -10.34
C LYS A 106 -4.72 -13.30 -9.02
N THR A 107 -5.64 -12.43 -8.64
CA THR A 107 -6.32 -12.58 -7.39
C THR A 107 -7.77 -12.82 -7.78
N ASN A 108 -8.67 -12.98 -6.81
CA ASN A 108 -10.08 -13.22 -7.15
C ASN A 108 -11.08 -12.33 -6.45
N GLY A 109 -10.58 -11.42 -5.64
CA GLY A 109 -11.49 -10.55 -4.94
C GLY A 109 -10.77 -9.36 -4.35
N VAL A 110 -11.54 -8.50 -3.68
CA VAL A 110 -10.99 -7.35 -2.99
C VAL A 110 -11.86 -7.03 -1.80
N GLY A 111 -11.24 -6.89 -0.62
CA GLY A 111 -11.91 -6.55 0.62
C GLY A 111 -11.56 -5.14 1.18
N ARG A 112 -12.53 -4.49 1.81
CA ARG A 112 -12.35 -3.19 2.42
C ARG A 112 -12.56 -3.41 3.90
N VAL A 113 -11.62 -2.92 4.70
CA VAL A 113 -11.66 -3.06 6.16
C VAL A 113 -12.76 -2.14 6.72
N GLN A 114 -13.42 -2.57 7.81
CA GLN A 114 -14.45 -1.72 8.44
C GLN A 114 -13.67 -0.49 8.87
N SER A 115 -14.18 0.64 8.43
CA SER A 115 -13.55 1.92 8.63
C SER A 115 -13.57 2.54 10.01
N ASN A 116 -12.57 3.37 10.25
CA ASN A 116 -12.45 4.09 11.51
C ASN A 116 -12.46 3.11 12.67
N ASN A 117 -11.65 2.07 12.63
CA ASN A 117 -11.65 1.14 13.75
C ASN A 117 -10.32 0.39 13.86
N GLU A 118 -9.55 0.69 14.92
CA GLU A 118 -8.26 0.03 15.15
C GLU A 118 -8.30 -1.50 15.07
N GLY A 119 -9.24 -2.08 15.80
CA GLY A 119 -9.35 -3.53 15.87
C GLY A 119 -9.41 -4.27 14.56
N SER A 120 -10.32 -3.84 13.69
CA SER A 120 -10.48 -4.47 12.36
C SER A 120 -9.21 -4.33 11.51
N LEU A 121 -8.55 -3.18 11.57
CA LEU A 121 -7.35 -2.94 10.82
C LEU A 121 -6.22 -3.91 11.20
N LEU A 122 -6.03 -4.10 12.50
CA LEU A 122 -5.02 -5.04 13.01
C LEU A 122 -5.36 -6.48 12.58
N ASN A 123 -6.63 -6.88 12.72
CA ASN A 123 -7.06 -8.20 12.27
C ASN A 123 -6.75 -8.39 10.76
N ALA A 124 -6.86 -7.36 9.95
CA ALA A 124 -6.54 -7.49 8.52
C ALA A 124 -5.01 -7.50 8.26
N ILE A 125 -4.26 -6.76 9.05
CA ILE A 125 -2.82 -6.72 8.86
C ILE A 125 -2.32 -8.06 9.27
N ALA A 126 -2.88 -8.58 10.36
CA ALA A 126 -2.53 -9.90 10.88
C ALA A 126 -2.66 -11.01 9.80
N HIS A 127 -3.42 -10.77 8.74
CA HIS A 127 -3.58 -11.78 7.69
C HIS A 127 -2.76 -11.51 6.46
N GLN A 128 -2.40 -10.26 6.25
CA GLN A 128 -1.65 -9.91 5.05
C GLN A 128 -1.50 -8.41 4.99
N PRO A 129 -0.67 -7.93 4.06
CA PRO A 129 -0.44 -6.50 3.85
C PRO A 129 -1.75 -5.83 3.34
N VAL A 130 -2.06 -4.67 3.90
CA VAL A 130 -3.24 -3.88 3.58
C VAL A 130 -2.84 -2.51 2.97
N SER A 131 -3.68 -2.02 2.03
CA SER A 131 -3.52 -0.71 1.37
C SER A 131 -4.26 0.29 2.25
N VAL A 132 -3.52 1.23 2.81
CA VAL A 132 -4.08 2.21 3.71
C VAL A 132 -3.91 3.64 3.15
N VAL A 133 -4.66 4.59 3.70
CA VAL A 133 -4.62 5.97 3.23
C VAL A 133 -4.09 6.78 4.42
N VAL A 134 -3.39 7.88 4.13
CA VAL A 134 -2.81 8.77 5.16
C VAL A 134 -2.72 10.15 4.60
N GLU A 135 -2.70 11.16 5.48
CA GLU A 135 -2.51 12.56 5.04
C GLU A 135 -1.01 12.74 5.06
N SER A 136 -0.42 12.98 3.89
CA SER A 136 1.01 13.17 3.68
C SER A 136 1.40 14.63 3.39
N ALA A 137 0.41 15.48 3.20
CA ALA A 137 0.60 16.90 2.90
C ALA A 137 1.54 17.69 3.84
N GLY A 138 1.41 17.44 5.14
CA GLY A 138 2.23 18.13 6.14
C GLY A 138 3.75 18.13 6.02
N ARG A 139 4.38 19.11 6.68
CA ARG A 139 5.83 19.19 6.66
C ARG A 139 6.49 18.16 7.59
N ASP A 140 5.78 17.73 8.62
CA ASP A 140 6.30 16.75 9.56
C ASP A 140 6.31 15.31 9.01
N PHE A 141 5.32 15.02 8.16
CA PHE A 141 5.21 13.71 7.51
C PHE A 141 6.25 13.77 6.43
N GLN A 142 6.30 14.91 5.77
CA GLN A 142 7.22 15.18 4.68
C GLN A 142 8.72 15.08 5.09
N ASN A 143 9.08 15.67 6.22
CA ASN A 143 10.48 15.65 6.63
C ASN A 143 10.79 14.56 7.68
N TYR A 144 9.85 13.61 7.83
CA TYR A 144 9.95 12.49 8.76
C TYR A 144 11.10 11.60 8.40
N LYS A 145 11.94 11.34 9.38
CA LYS A 145 13.05 10.44 9.10
C LYS A 145 13.20 9.36 10.14
N GLY A 146 12.24 9.23 11.05
CA GLY A 146 12.37 8.20 12.05
C GLY A 146 11.65 8.24 13.41
N GLY A 147 11.24 7.04 13.83
CA GLY A 147 10.52 6.84 15.09
C GLY A 147 9.02 6.61 14.91
N ILE A 148 8.26 6.68 16.00
CA ILE A 148 6.81 6.49 15.96
C ILE A 148 6.10 7.84 15.79
N PHE A 149 5.63 8.10 14.57
CA PHE A 149 4.94 9.35 14.24
C PHE A 149 3.62 9.61 15.00
N GLU A 150 3.67 10.51 15.99
CA GLU A 150 2.49 10.90 16.79
C GLU A 150 1.76 11.93 15.93
N GLY A 151 2.55 12.56 15.08
CA GLY A 151 1.96 13.48 14.18
C GLY A 151 2.42 14.88 13.98
N SER A 152 1.34 15.59 13.69
CA SER A 152 1.18 16.99 13.37
C SER A 152 0.74 16.81 11.93
N CYS A 153 -0.41 16.15 11.87
CA CYS A 153 -1.12 15.84 10.64
C CYS A 153 -2.57 15.92 11.05
N GLY A 154 -3.44 16.25 10.09
CA GLY A 154 -4.87 16.27 10.32
C GLY A 154 -5.35 14.95 9.74
N THR A 155 -6.60 14.91 9.28
CA THR A 155 -7.14 13.68 8.71
C THR A 155 -7.52 13.81 7.22
N LYS A 156 -6.99 14.82 6.54
CA LYS A 156 -7.31 15.02 5.14
C LYS A 156 -6.36 14.19 4.30
N VAL A 157 -6.59 12.89 4.38
CA VAL A 157 -5.82 11.88 3.65
C VAL A 157 -5.61 12.27 2.20
N ASP A 158 -4.47 11.89 1.65
CA ASP A 158 -4.15 12.20 0.25
C ASP A 158 -3.11 11.26 -0.27
N HIS A 159 -2.95 10.13 0.37
CA HIS A 159 -1.87 9.24 -0.05
C HIS A 159 -2.16 7.79 0.37
N ALA A 160 -1.95 6.88 -0.57
CA ALA A 160 -2.15 5.44 -0.35
C ALA A 160 -0.73 4.79 -0.08
N VAL A 161 -0.64 4.13 1.06
CA VAL A 161 0.58 3.46 1.46
C VAL A 161 0.23 2.02 1.87
N THR A 162 1.22 1.20 2.25
CA THR A 162 0.97 -0.20 2.59
C THR A 162 1.34 -0.54 4.04
N ALA A 163 0.34 -0.87 4.85
CA ALA A 163 0.50 -1.29 6.24
C ALA A 163 1.05 -2.71 6.28
N VAL A 164 2.33 -2.84 6.62
CA VAL A 164 2.97 -4.15 6.65
C VAL A 164 3.22 -4.81 8.01
N GLY A 165 2.82 -4.18 9.08
CA GLY A 165 3.04 -4.77 10.38
C GLY A 165 2.57 -3.81 11.43
N TYR A 166 2.64 -4.20 12.71
CA TYR A 166 2.21 -3.34 13.80
C TYR A 166 2.91 -3.94 15.01
N GLY A 167 2.92 -3.22 16.11
CA GLY A 167 3.56 -3.77 17.27
C GLY A 167 3.44 -2.72 18.31
N LYS A 168 4.29 -2.88 19.33
CA LYS A 168 4.39 -1.96 20.46
C LYS A 168 5.89 -1.86 20.75
N SER A 169 6.34 -0.66 21.02
CA SER A 169 7.73 -0.37 21.30
C SER A 169 7.69 0.82 22.28
N GLY A 170 8.12 0.58 23.51
CA GLY A 170 8.18 1.65 24.49
C GLY A 170 6.84 2.14 25.03
N GLY A 171 5.87 1.25 25.12
CA GLY A 171 4.60 1.69 25.66
C GLY A 171 3.59 2.01 24.62
N LYS A 172 4.05 2.40 23.44
CA LYS A 172 3.17 2.77 22.32
C LYS A 172 2.92 1.73 21.21
N GLY A 173 1.68 1.70 20.73
CA GLY A 173 1.34 0.80 19.64
C GLY A 173 1.64 1.53 18.35
N TYR A 174 1.93 0.83 17.27
CA TYR A 174 2.17 1.53 16.02
C TYR A 174 1.74 0.64 14.90
N ILE A 175 1.65 1.24 13.71
CA ILE A 175 1.34 0.57 12.44
C ILE A 175 2.61 0.77 11.61
N LEU A 176 3.18 -0.30 11.11
CA LEU A 176 4.37 -0.25 10.27
C LEU A 176 3.95 -0.07 8.82
N ILE A 177 4.36 1.04 8.21
CA ILE A 177 3.95 1.31 6.84
C ILE A 177 5.06 1.46 5.81
N LYS A 178 4.83 0.83 4.66
CA LYS A 178 5.74 0.93 3.54
C LYS A 178 5.28 2.07 2.64
N ASN A 179 6.13 3.10 2.52
CA ASN A 179 5.88 4.29 1.69
C ASN A 179 6.64 4.10 0.39
N SER A 180 6.25 4.85 -0.63
CA SER A 180 6.83 4.72 -1.96
C SER A 180 7.53 5.98 -2.41
N TRP A 181 8.32 6.54 -1.49
CA TRP A 181 9.07 7.74 -1.77
C TRP A 181 10.56 7.42 -1.74
N GLY A 182 10.88 6.15 -1.97
CA GLY A 182 12.25 5.71 -1.96
C GLY A 182 12.80 5.44 -0.57
N PRO A 183 13.97 4.82 -0.48
CA PRO A 183 14.64 4.49 0.78
C PRO A 183 15.22 5.67 1.58
N GLY A 184 15.31 6.81 0.90
CA GLY A 184 15.84 7.99 1.51
C GLY A 184 14.85 8.79 2.34
N TRP A 185 13.67 8.22 2.61
CA TRP A 185 12.66 8.88 3.43
C TRP A 185 12.45 8.00 4.68
N GLY A 186 12.13 8.61 5.83
CA GLY A 186 11.87 7.86 7.04
C GLY A 186 12.86 6.77 7.33
N GLU A 187 12.38 5.75 8.03
CA GLU A 187 13.23 4.61 8.41
C GLU A 187 13.50 3.68 7.23
N ASN A 188 14.35 4.11 6.29
CA ASN A 188 14.67 3.33 5.06
C ASN A 188 13.44 3.15 4.16
N GLY A 189 12.69 4.24 3.99
CA GLY A 189 11.47 4.21 3.18
C GLY A 189 10.21 3.83 3.94
N TYR A 190 10.34 3.47 5.21
CA TYR A 190 9.26 3.05 6.12
C TYR A 190 8.89 4.10 7.23
N ILE A 191 7.67 3.99 7.76
CA ILE A 191 7.19 4.88 8.85
C ILE A 191 6.32 4.11 9.85
N ARG A 192 6.59 4.32 11.14
CA ARG A 192 5.81 3.72 12.20
C ARG A 192 4.91 4.88 12.68
N ILE A 193 3.60 4.76 12.44
CA ILE A 193 2.73 5.83 12.87
C ILE A 193 2.06 5.34 14.12
N ARG A 194 1.94 6.23 15.09
CA ARG A 194 1.28 5.92 16.34
C ARG A 194 -0.16 5.44 16.07
N ARG A 195 -0.63 4.47 16.85
CA ARG A 195 -1.96 3.93 16.63
C ARG A 195 -3.19 4.31 17.53
N ALA A 196 -4.31 4.54 16.86
CA ALA A 196 -5.64 4.79 17.42
C ALA A 196 -5.89 6.16 17.93
N SER A 197 -5.65 6.33 19.25
CA SER A 197 -5.77 7.61 19.98
C SER A 197 -7.13 8.19 20.40
N GLY A 198 -8.11 7.37 20.78
CA GLY A 198 -9.41 7.94 21.20
C GLY A 198 -10.33 8.37 20.06
N ASN A 199 -9.68 8.81 18.98
CA ASN A 199 -10.30 9.19 17.73
C ASN A 199 -10.05 7.99 16.80
N SER A 200 -11.15 7.45 16.28
CA SER A 200 -11.15 6.31 15.38
C SER A 200 -10.82 6.59 13.91
N PRO A 201 -10.76 7.88 13.46
CA PRO A 201 -10.37 8.08 12.05
C PRO A 201 -8.86 7.71 11.96
N GLY A 202 -8.22 7.62 13.14
CA GLY A 202 -6.80 7.28 13.30
C GLY A 202 -5.78 8.39 13.20
N VAL A 203 -4.53 8.11 13.56
CA VAL A 203 -3.50 9.15 13.41
C VAL A 203 -3.21 9.44 11.91
N CYS A 204 -3.28 10.71 11.51
CA CYS A 204 -3.10 11.14 10.11
C CYS A 204 -4.19 10.50 9.20
N GLY A 205 -5.34 10.14 9.82
CA GLY A 205 -6.50 9.54 9.17
C GLY A 205 -6.20 8.16 8.59
N VAL A 206 -5.32 7.43 9.28
CA VAL A 206 -4.87 6.11 8.81
C VAL A 206 -5.92 5.02 8.90
N TYR A 207 -7.04 5.31 9.55
CA TYR A 207 -8.10 4.31 9.67
C TYR A 207 -9.22 4.52 8.65
N ARG A 208 -9.08 5.49 7.74
CA ARG A 208 -10.15 5.80 6.80
C ARG A 208 -10.56 4.87 5.63
N SER A 209 -9.62 4.48 4.78
CA SER A 209 -9.94 3.63 3.59
C SER A 209 -8.88 2.54 3.42
N SER A 210 -9.16 1.34 3.93
CA SER A 210 -8.20 0.22 3.91
C SER A 210 -8.71 -0.93 3.10
N TYR A 211 -7.95 -1.33 2.09
CA TYR A 211 -8.31 -2.44 1.18
C TYR A 211 -7.24 -3.53 1.12
N TYR A 212 -7.65 -4.74 0.75
CA TYR A 212 -6.71 -5.86 0.63
C TYR A 212 -7.20 -6.77 -0.47
N PRO A 213 -6.27 -7.35 -1.25
CA PRO A 213 -6.63 -8.26 -2.33
C PRO A 213 -7.02 -9.59 -1.71
N ILE A 214 -8.04 -10.22 -2.25
CA ILE A 214 -8.47 -11.50 -1.70
C ILE A 214 -8.00 -12.53 -2.71
N LYS A 215 -7.32 -13.55 -2.23
CA LYS A 215 -6.90 -14.60 -3.13
C LYS A 215 -7.60 -15.79 -2.46
N ASN A 216 -8.45 -16.46 -3.25
CA ASN A 216 -9.27 -17.64 -2.85
C ASN A 216 -8.32 -18.81 -2.84
C1 PHQ B 1 -9.90 8.13 -3.09
O1 PHQ B 1 -8.84 7.51 -3.13
O2 PHQ B 1 -10.97 7.72 -2.29
C2 PHQ B 1 -10.67 6.97 -1.09
C3 PHQ B 1 -11.21 7.58 0.19
C4 PHQ B 1 -10.46 8.42 0.99
C5 PHQ B 1 -10.95 8.83 2.23
C6 PHQ B 1 -12.23 8.38 2.66
C7 PHQ B 1 -12.98 7.56 1.88
C8 PHQ B 1 -12.47 7.17 0.65
N LEU B 2 -10.20 9.05 -3.99
CA LEU B 2 -9.22 9.52 -4.95
C LEU B 2 -7.94 10.16 -4.36
N VAL B 3 -6.85 9.43 -4.50
CA VAL B 3 -5.53 9.82 -3.98
C VAL B 3 -4.43 9.63 -5.03
N GLY B 4 -3.43 10.50 -5.01
CA GLY B 4 -2.30 10.42 -5.91
C GLY B 4 -1.06 10.50 -5.06
C1 0HQ B 5 -0.21 9.31 -4.83
#